data_3HJ9
#
_entry.id   3HJ9
#
_cell.length_a   78.865
_cell.length_b   78.865
_cell.length_c   136.555
_cell.angle_alpha   90.000
_cell.angle_beta   90.000
_cell.angle_gamma   120.000
#
_symmetry.space_group_name_H-M   'P 32 2 1'
#
loop_
_entity.id
_entity.type
_entity.pdbx_description
1 polymer Oxidoreductase
2 non-polymer 'FLAVIN MONONUCLEOTIDE'
3 non-polymer 'ACETATE ION'
4 non-polymer (4S)-2-METHYL-2,4-PENTANEDIOL
5 non-polymer 'MAGNESIUM ION'
6 water water
#
_entity_poly.entity_id   1
_entity_poly.type   'polypeptide(L)'
_entity_poly.pdbx_seq_one_letter_code
;G(MSE)NDLKRLPYEPVKGLLPRPAVGTSERVITLPEPDRTSG(MSE)PL(MSE)GTLWLRKSTREFDQQPLPLKQLSEL
LWAAAGVNRSLGGGRTAPSPYGETVIDVYVALPAGLYRYDPVHHCLELKRAADLRS(MSE)TGYQDFVG(MSE)APLDLV
FVANHGR(MSE)QE(MSE)PPKLRETFSAAAAGA(MSE)AENAYLYCASAGLGAVVRGWLNRRQLAEH(MSE)SLNEDEE
PILSQTIGRAASHVTTTQA
;
_entity_poly.pdbx_strand_id   A,B
#
# COMPACT_ATOMS: atom_id res chain seq x y z
N ASN A 3 -20.62 7.13 17.84
CA ASN A 3 -19.41 6.37 17.38
C ASN A 3 -19.54 5.94 15.91
N ASP A 4 -20.71 5.36 15.59
CA ASP A 4 -21.08 4.96 14.21
C ASP A 4 -21.25 6.20 13.29
N LEU A 5 -21.57 7.36 13.89
CA LEU A 5 -21.74 8.65 13.17
C LEU A 5 -20.49 9.10 12.38
N LYS A 6 -19.29 8.63 12.76
CA LYS A 6 -18.05 8.84 11.97
C LYS A 6 -18.17 8.16 10.59
N ARG A 7 -18.88 7.03 10.56
CA ARG A 7 -19.11 6.27 9.31
C ARG A 7 -20.12 6.88 8.34
N LEU A 8 -20.84 7.95 8.72
CA LEU A 8 -21.78 8.60 7.78
C LEU A 8 -21.01 9.14 6.54
N PRO A 9 -21.59 8.96 5.34
CA PRO A 9 -20.93 9.41 4.13
C PRO A 9 -20.70 10.93 4.19
N TYR A 10 -19.51 11.38 3.80
CA TYR A 10 -19.16 12.79 3.89
C TYR A 10 -20.01 13.68 2.98
N GLU A 11 -20.18 14.92 3.41
CA GLU A 11 -20.92 15.90 2.66
C GLU A 11 -20.10 16.28 1.40
N PRO A 12 -20.75 16.32 0.22
CA PRO A 12 -20.02 16.78 -0.95
C PRO A 12 -19.72 18.29 -0.88
N VAL A 13 -18.58 18.71 -1.42
CA VAL A 13 -18.20 20.11 -1.52
C VAL A 13 -18.65 20.51 -2.92
N LYS A 14 -19.66 21.36 -3.02
CA LYS A 14 -20.23 21.75 -4.31
C LYS A 14 -19.73 23.11 -4.79
N GLY A 15 -19.52 23.23 -6.11
CA GLY A 15 -19.18 24.49 -6.76
C GLY A 15 -17.77 25.02 -6.78
N LEU A 16 -16.84 24.43 -6.01
CA LEU A 16 -15.44 24.92 -5.99
C LEU A 16 -14.75 24.83 -7.36
N LEU A 17 -14.05 25.88 -7.74
CA LEU A 17 -13.27 25.91 -8.97
C LEU A 17 -11.81 25.87 -8.58
N PRO A 18 -10.93 25.56 -9.55
CA PRO A 18 -9.52 25.63 -9.22
C PRO A 18 -9.13 27.07 -8.91
N ARG A 19 -8.29 27.26 -7.89
CA ARG A 19 -7.80 28.59 -7.54
C ARG A 19 -6.66 28.96 -8.51
N PRO A 20 -6.41 30.26 -8.68
CA PRO A 20 -5.31 30.69 -9.52
C PRO A 20 -3.96 30.24 -8.94
N ALA A 21 -3.02 29.89 -9.83
CA ALA A 21 -1.68 29.49 -9.40
C ALA A 21 -1.01 30.68 -8.68
N VAL A 22 -0.28 30.35 -7.61
CA VAL A 22 0.47 31.30 -6.80
C VAL A 22 1.93 30.96 -7.08
N GLY A 23 2.65 31.87 -7.68
CA GLY A 23 4.06 31.70 -7.98
C GLY A 23 4.27 31.67 -9.47
N THR A 24 5.44 31.12 -9.84
CA THR A 24 5.85 30.99 -11.22
C THR A 24 5.49 29.52 -11.51
N SER A 25 4.63 29.32 -12.52
CA SER A 25 4.11 28.03 -12.93
C SER A 25 5.00 27.46 -14.06
N GLU A 26 6.20 27.05 -13.67
CA GLU A 26 7.24 26.57 -14.60
C GLU A 26 6.84 25.26 -15.28
N ARG A 27 7.26 25.11 -16.53
CA ARG A 27 6.91 23.94 -17.35
C ARG A 27 7.48 22.63 -16.79
N VAL A 28 8.71 22.69 -16.28
CA VAL A 28 9.40 21.55 -15.67
C VAL A 28 10.08 21.98 -14.39
N ILE A 29 9.91 21.19 -13.32
CA ILE A 29 10.67 21.40 -12.09
C ILE A 29 11.62 20.19 -11.98
N THR A 30 12.94 20.45 -12.04
CA THR A 30 13.95 19.40 -11.91
CA THR A 30 13.98 19.42 -11.91
C THR A 30 14.14 19.17 -10.41
N LEU A 31 14.27 17.92 -10.01
CA LEU A 31 14.41 17.54 -8.61
C LEU A 31 15.82 17.02 -8.37
N PRO A 32 16.39 17.29 -7.18
CA PRO A 32 17.74 16.77 -6.89
C PRO A 32 17.73 15.27 -6.68
N GLU A 33 18.90 14.64 -6.85
CA GLU A 33 19.00 13.18 -6.68
C GLU A 33 18.63 12.79 -5.27
N PRO A 34 17.80 11.74 -5.11
CA PRO A 34 17.44 11.30 -3.75
C PRO A 34 18.60 10.58 -3.00
N ASP A 35 18.65 10.72 -1.66
CA ASP A 35 19.68 10.05 -0.84
CA ASP A 35 19.63 10.04 -0.77
C ASP A 35 19.37 8.54 -0.80
N ARG A 36 20.42 7.75 -0.62
CA ARG A 36 20.33 6.28 -0.63
C ARG A 36 20.71 5.56 0.65
N THR A 37 21.71 6.08 1.35
CA THR A 37 22.14 5.48 2.58
C THR A 37 21.21 5.91 3.73
N SER A 38 21.46 7.09 4.27
CA SER A 38 20.89 7.51 5.56
C SER A 38 19.38 7.82 5.67
N GLY A 39 18.94 7.94 6.94
CA GLY A 39 17.57 8.22 7.34
C GLY A 39 17.09 7.29 8.47
N PRO A 41 15.51 4.46 10.70
CA PRO A 41 15.29 3.03 10.45
C PRO A 41 13.83 2.71 10.10
N LEU A 42 13.62 1.80 9.15
CA LEU A 42 12.27 1.33 8.74
C LEU A 42 11.39 1.02 9.94
N GLY A 44 11.57 2.15 12.97
CA GLY A 44 11.15 3.43 13.53
C GLY A 44 9.98 4.09 12.78
N THR A 45 10.04 4.07 11.45
CA THR A 45 8.99 4.67 10.64
C THR A 45 7.66 3.92 10.78
N LEU A 46 7.70 2.60 10.92
CA LEU A 46 6.47 1.80 11.15
C LEU A 46 5.78 2.16 12.51
N TRP A 47 6.59 2.39 13.54
CA TRP A 47 6.09 2.82 14.85
C TRP A 47 5.40 4.19 14.77
N LEU A 48 5.93 5.10 13.96
CA LEU A 48 5.44 6.47 13.86
C LEU A 48 4.46 6.71 12.71
N ARG A 49 4.15 5.65 11.95
CA ARG A 49 3.24 5.77 10.77
C ARG A 49 1.83 6.08 11.31
N LYS A 50 1.29 7.23 10.88
CA LYS A 50 -0.01 7.73 11.36
C LYS A 50 -0.59 8.73 10.37
N SER A 51 -1.86 9.09 10.56
CA SER A 51 -2.53 10.10 9.75
C SER A 51 -2.60 11.45 10.46
N THR A 52 -2.36 12.52 9.72
CA THR A 52 -2.39 13.90 10.20
C THR A 52 -3.36 14.66 9.32
N ARG A 53 -4.18 15.53 9.94
CA ARG A 53 -5.21 16.27 9.23
C ARG A 53 -5.16 17.80 9.32
N GLU A 54 -4.33 18.34 10.22
CA GLU A 54 -4.10 19.76 10.36
C GLU A 54 -2.59 20.00 10.12
N PHE A 55 -2.30 20.94 9.22
CA PHE A 55 -0.95 21.23 8.77
C PHE A 55 -0.51 22.67 8.88
N ASP A 56 0.80 22.84 8.97
CA ASP A 56 1.46 24.13 8.84
C ASP A 56 1.53 24.35 7.32
N GLN A 57 1.46 25.61 6.90
CA GLN A 57 1.49 25.94 5.48
C GLN A 57 2.87 26.10 4.85
N GLN A 58 3.95 26.01 5.63
CA GLN A 58 5.32 26.17 5.10
C GLN A 58 5.55 25.08 4.01
N PRO A 59 6.05 25.47 2.79
CA PRO A 59 6.29 24.45 1.74
C PRO A 59 7.37 23.46 2.13
N LEU A 60 7.34 22.26 1.54
CA LEU A 60 8.44 21.31 1.76
C LEU A 60 9.66 21.86 0.99
N PRO A 61 10.87 21.74 1.57
CA PRO A 61 12.04 22.12 0.78
C PRO A 61 12.16 21.16 -0.41
N LEU A 62 12.85 21.61 -1.45
CA LEU A 62 12.99 20.82 -2.68
C LEU A 62 13.55 19.42 -2.43
N LYS A 63 14.48 19.29 -1.48
CA LYS A 63 15.05 17.98 -1.09
C LYS A 63 13.96 17.01 -0.61
N GLN A 64 13.04 17.52 0.22
CA GLN A 64 11.96 16.71 0.74
C GLN A 64 10.93 16.40 -0.33
N LEU A 65 10.56 17.38 -1.16
CA LEU A 65 9.62 17.07 -2.27
C LEU A 65 10.19 15.94 -3.14
N SER A 66 11.49 16.02 -3.42
CA SER A 66 12.19 15.03 -4.23
C SER A 66 12.15 13.63 -3.64
N GLU A 67 12.55 13.52 -2.37
CA GLU A 67 12.58 12.23 -1.68
C GLU A 67 11.19 11.59 -1.51
N LEU A 68 10.18 12.41 -1.25
CA LEU A 68 8.77 11.99 -1.12
C LEU A 68 8.27 11.37 -2.42
N LEU A 69 8.47 12.11 -3.52
CA LEU A 69 8.08 11.65 -4.84
C LEU A 69 8.83 10.36 -5.21
N TRP A 70 10.14 10.32 -4.96
CA TRP A 70 10.93 9.11 -5.22
C TRP A 70 10.44 7.91 -4.35
N ALA A 71 10.19 8.15 -3.06
CA ALA A 71 9.66 7.16 -2.14
C ALA A 71 8.36 6.58 -2.74
N ALA A 72 7.45 7.48 -3.13
CA ALA A 72 6.14 7.05 -3.69
C ALA A 72 6.19 6.36 -5.06
N ALA A 73 6.97 6.91 -5.98
CA ALA A 73 6.92 6.47 -7.40
C ALA A 73 8.23 6.30 -8.14
N GLY A 74 9.36 6.45 -7.45
CA GLY A 74 10.64 6.53 -8.07
C GLY A 74 11.19 5.25 -8.64
N VAL A 75 12.19 5.42 -9.51
CA VAL A 75 12.96 4.30 -10.08
C VAL A 75 14.02 3.92 -9.04
N ASN A 76 14.05 2.66 -8.66
CA ASN A 76 15.07 2.15 -7.69
C ASN A 76 16.03 1.17 -8.32
N ARG A 77 15.76 0.75 -9.56
CA ARG A 77 16.61 -0.11 -10.34
C ARG A 77 16.71 0.44 -11.77
N SER A 78 17.90 0.90 -12.17
CA SER A 78 18.09 1.46 -13.51
C SER A 78 17.79 0.41 -14.60
N LEU A 79 18.32 -0.80 -14.40
CA LEU A 79 18.06 -1.92 -15.31
C LEU A 79 16.55 -2.25 -15.24
N GLY A 80 15.84 -2.00 -16.34
CA GLY A 80 14.37 -2.21 -16.42
C GLY A 80 13.44 -1.16 -15.82
N GLY A 81 13.99 -0.12 -15.20
CA GLY A 81 13.14 0.91 -14.58
C GLY A 81 12.20 0.43 -13.47
N GLY A 82 12.70 -0.51 -12.65
CA GLY A 82 12.01 -0.98 -11.48
C GLY A 82 11.73 0.18 -10.54
N ARG A 83 10.60 0.12 -9.86
CA ARG A 83 10.13 1.18 -8.98
C ARG A 83 10.17 0.82 -7.50
N THR A 84 10.01 1.84 -6.67
CA THR A 84 10.01 1.67 -5.21
C THR A 84 8.78 0.92 -4.72
N ALA A 85 7.71 0.85 -5.54
CA ALA A 85 6.44 0.18 -5.23
C ALA A 85 6.10 -0.81 -6.34
N PRO A 86 5.44 -1.92 -5.99
CA PRO A 86 5.06 -2.89 -7.02
C PRO A 86 3.94 -2.40 -7.94
N SER A 87 3.76 -3.11 -9.03
CA SER A 87 2.66 -2.84 -9.98
C SER A 87 2.35 -4.10 -10.77
N PRO A 88 1.06 -4.38 -11.06
CA PRO A 88 0.65 -5.59 -11.79
C PRO A 88 1.34 -5.69 -13.17
N TYR A 89 1.91 -6.86 -13.47
CA TYR A 89 2.68 -7.09 -14.73
C TYR A 89 3.86 -6.12 -14.98
N GLY A 90 4.31 -5.37 -13.98
CA GLY A 90 5.37 -4.37 -14.19
C GLY A 90 4.96 -3.13 -15.00
N GLU A 91 3.69 -3.04 -15.41
CA GLU A 91 3.13 -1.91 -16.16
C GLU A 91 2.99 -0.80 -15.15
N THR A 92 3.19 0.44 -15.58
CA THR A 92 3.04 1.58 -14.71
C THR A 92 1.56 1.91 -14.69
N VAL A 93 0.78 1.31 -13.82
CA VAL A 93 -0.67 1.56 -13.82
C VAL A 93 -1.05 2.88 -13.14
N ILE A 94 -0.23 3.35 -12.19
CA ILE A 94 -0.47 4.58 -11.44
C ILE A 94 0.58 5.65 -11.79
N ASP A 95 0.09 6.86 -12.10
CA ASP A 95 0.89 8.05 -12.31
C ASP A 95 0.61 8.93 -11.10
N VAL A 96 1.65 9.54 -10.56
CA VAL A 96 1.52 10.39 -9.42
C VAL A 96 1.54 11.82 -9.87
N TYR A 97 0.52 12.55 -9.48
CA TYR A 97 0.38 13.96 -9.75
C TYR A 97 0.58 14.67 -8.44
N VAL A 98 1.02 15.92 -8.52
CA VAL A 98 1.28 16.74 -7.32
C VAL A 98 0.58 18.09 -7.48
N ALA A 99 -0.35 18.42 -6.57
CA ALA A 99 -1.00 19.74 -6.59
C ALA A 99 -0.19 20.63 -5.67
N LEU A 100 0.52 21.59 -6.27
CA LEU A 100 1.27 22.61 -5.55
C LEU A 100 0.54 23.94 -5.73
N PRO A 101 0.84 24.94 -4.88
CA PRO A 101 0.22 26.27 -5.10
C PRO A 101 0.56 26.89 -6.49
N ALA A 102 1.75 26.61 -7.02
CA ALA A 102 2.15 27.09 -8.34
C ALA A 102 1.61 26.27 -9.52
N GLY A 103 0.98 25.11 -9.28
CA GLY A 103 0.49 24.30 -10.36
C GLY A 103 0.31 22.82 -10.06
N LEU A 104 -0.46 22.14 -10.91
CA LEU A 104 -0.64 20.69 -10.87
C LEU A 104 0.44 20.11 -11.77
N TYR A 105 1.24 19.19 -11.23
CA TYR A 105 2.31 18.53 -11.96
C TYR A 105 2.18 17.03 -11.99
N ARG A 106 2.75 16.41 -13.02
CA ARG A 106 2.85 14.96 -13.10
C ARG A 106 4.33 14.63 -12.84
N TYR A 107 4.55 13.70 -11.92
CA TYR A 107 5.88 13.20 -11.60
C TYR A 107 6.30 12.18 -12.66
N ASP A 108 7.46 12.40 -13.26
CA ASP A 108 8.06 11.52 -14.26
C ASP A 108 9.17 10.76 -13.50
N PRO A 109 8.97 9.45 -13.20
CA PRO A 109 10.03 8.71 -12.47
C PRO A 109 11.34 8.48 -13.19
N VAL A 110 11.29 8.21 -14.49
CA VAL A 110 12.49 7.92 -15.27
C VAL A 110 13.47 9.11 -15.29
N HIS A 111 12.94 10.34 -15.33
CA HIS A 111 13.74 11.57 -15.33
C HIS A 111 13.72 12.34 -14.02
N HIS A 112 12.99 11.83 -13.03
CA HIS A 112 12.88 12.40 -11.70
C HIS A 112 12.64 13.90 -11.76
N CYS A 113 11.56 14.27 -12.42
CA CYS A 113 11.15 15.66 -12.50
C CYS A 113 9.63 15.74 -12.55
N LEU A 114 9.16 16.98 -12.41
CA LEU A 114 7.74 17.36 -12.44
C LEU A 114 7.43 18.11 -13.76
N GLU A 115 6.40 17.70 -14.47
CA GLU A 115 5.95 18.28 -15.74
C GLU A 115 4.58 18.91 -15.49
N LEU A 116 4.42 20.18 -15.86
CA LEU A 116 3.16 20.92 -15.65
C LEU A 116 1.99 20.29 -16.42
N LYS A 117 0.92 19.99 -15.70
CA LYS A 117 -0.35 19.45 -16.21
C LYS A 117 -1.38 20.58 -16.26
N ARG A 118 -1.44 21.39 -15.18
CA ARG A 118 -2.31 22.59 -15.17
C ARG A 118 -1.80 23.76 -14.30
N ALA A 119 -1.75 24.96 -14.87
CA ALA A 119 -1.31 26.17 -14.17
C ALA A 119 -2.46 26.70 -13.31
N ALA A 120 -2.75 25.96 -12.25
CA ALA A 120 -3.80 26.27 -11.29
C ALA A 120 -3.53 25.52 -9.99
N ASP A 121 -4.07 26.04 -8.88
CA ASP A 121 -3.95 25.43 -7.54
C ASP A 121 -5.14 24.50 -7.30
N LEU A 122 -4.88 23.18 -7.44
CA LEU A 122 -5.92 22.14 -7.27
CA LEU A 122 -5.89 22.13 -7.28
C LEU A 122 -5.83 21.43 -5.92
N ARG A 123 -5.25 22.07 -4.92
CA ARG A 123 -5.17 21.45 -3.61
C ARG A 123 -6.58 21.40 -3.01
N SER A 124 -6.83 20.32 -2.26
CA SER A 124 -8.12 19.99 -1.64
C SER A 124 -9.33 20.18 -2.57
N THR A 126 -10.90 17.26 -3.58
CA THR A 126 -11.45 15.89 -3.54
C THR A 126 -12.97 15.86 -3.74
N GLY A 127 -13.66 16.98 -3.56
CA GLY A 127 -15.09 17.05 -3.70
C GLY A 127 -15.89 16.60 -2.49
N TYR A 128 -15.24 16.26 -1.37
CA TYR A 128 -15.93 15.87 -0.13
C TYR A 128 -15.32 16.53 1.10
N GLN A 129 -16.19 16.80 2.08
CA GLN A 129 -15.78 17.38 3.34
C GLN A 129 -15.43 16.27 4.35
N ASP A 130 -14.16 15.89 4.37
CA ASP A 130 -13.60 14.90 5.30
C ASP A 130 -12.76 15.53 6.43
N PHE A 131 -12.95 16.83 6.65
CA PHE A 131 -12.28 17.57 7.71
C PHE A 131 -10.74 17.50 7.69
N VAL A 132 -10.17 17.40 6.49
CA VAL A 132 -8.71 17.45 6.29
C VAL A 132 -8.42 18.92 5.93
N GLY A 133 -7.55 19.58 6.66
CA GLY A 133 -7.25 20.99 6.42
C GLY A 133 -6.38 21.24 5.20
N ALA A 135 -3.10 22.08 3.17
CA ALA A 135 -1.70 21.66 3.33
C ALA A 135 -0.85 22.16 2.15
N PRO A 136 0.50 22.17 2.30
CA PRO A 136 1.39 22.63 1.24
C PRO A 136 1.27 21.89 -0.08
N LEU A 137 0.91 20.61 -0.05
CA LEU A 137 0.73 19.83 -1.28
C LEU A 137 -0.23 18.65 -1.12
N ASP A 138 -0.77 18.19 -2.25
CA ASP A 138 -1.56 16.96 -2.32
C ASP A 138 -0.91 16.07 -3.38
N LEU A 139 -0.76 14.79 -3.10
CA LEU A 139 -0.45 13.82 -4.17
C LEU A 139 -1.77 13.22 -4.68
N VAL A 140 -1.95 13.07 -6.01
CA VAL A 140 -3.08 12.30 -6.58
C VAL A 140 -2.54 11.09 -7.34
N PHE A 141 -3.05 9.90 -6.99
CA PHE A 141 -2.62 8.63 -7.60
C PHE A 141 -3.67 8.33 -8.66
N VAL A 142 -3.29 8.49 -9.92
CA VAL A 142 -4.19 8.34 -11.04
C VAL A 142 -3.97 7.01 -11.74
N ALA A 143 -5.04 6.23 -11.93
CA ALA A 143 -4.97 4.93 -12.64
C ALA A 143 -5.09 5.18 -14.13
N ASN A 144 -4.21 4.54 -14.89
CA ASN A 144 -4.22 4.64 -16.32
C ASN A 144 -4.83 3.37 -16.90
N HIS A 145 -6.12 3.45 -17.22
CA HIS A 145 -6.86 2.31 -17.78
C HIS A 145 -6.34 1.80 -19.13
N GLY A 146 -5.67 2.67 -19.89
CA GLY A 146 -5.04 2.29 -21.16
C GLY A 146 -3.95 1.23 -21.02
N ARG A 147 -3.28 1.18 -19.86
CA ARG A 147 -2.23 0.19 -19.57
C ARG A 147 -2.76 -1.06 -18.82
N GLN A 149 -5.60 -2.99 -20.08
CA GLN A 149 -6.47 -3.76 -20.94
C GLN A 149 -6.12 -5.23 -21.09
N GLU A 150 -4.90 -5.65 -20.75
CA GLU A 150 -4.57 -7.12 -20.80
C GLU A 150 -4.85 -7.78 -19.43
N PRO A 152 -7.65 -8.85 -16.32
CA PRO A 152 -9.09 -9.15 -16.26
C PRO A 152 -9.84 -7.93 -15.69
N PRO A 153 -10.94 -7.51 -16.36
CA PRO A 153 -11.63 -6.29 -15.98
C PRO A 153 -12.08 -6.15 -14.52
N LYS A 154 -12.61 -7.24 -13.96
CA LYS A 154 -13.09 -7.25 -12.58
C LYS A 154 -11.99 -7.10 -11.51
N LEU A 155 -10.72 -7.25 -11.90
CA LEU A 155 -9.58 -7.06 -10.98
C LEU A 155 -8.88 -5.73 -11.10
N ARG A 156 -9.25 -4.88 -12.09
CA ARG A 156 -8.58 -3.61 -12.31
C ARG A 156 -8.68 -2.63 -11.15
N GLU A 157 -9.87 -2.54 -10.54
CA GLU A 157 -10.02 -1.61 -9.39
CA GLU A 157 -10.10 -1.67 -9.38
C GLU A 157 -9.18 -2.10 -8.24
N THR A 158 -9.15 -3.42 -7.99
CA THR A 158 -8.30 -3.99 -6.92
C THR A 158 -6.79 -3.72 -7.19
N PHE A 159 -6.36 -3.98 -8.42
CA PHE A 159 -4.94 -3.78 -8.79
C PHE A 159 -4.52 -2.31 -8.73
N SER A 160 -5.36 -1.42 -9.24
CA SER A 160 -5.13 0.05 -9.18
CA SER A 160 -5.06 0.02 -9.20
C SER A 160 -5.06 0.55 -7.75
N ALA A 161 -6.07 0.19 -6.95
CA ALA A 161 -6.17 0.61 -5.52
C ALA A 161 -5.02 0.04 -4.68
N ALA A 162 -4.63 -1.22 -4.90
CA ALA A 162 -3.50 -1.86 -4.16
C ALA A 162 -2.16 -1.19 -4.48
N ALA A 163 -1.90 -0.98 -5.79
CA ALA A 163 -0.69 -0.25 -6.28
C ALA A 163 -0.67 1.16 -5.69
N ALA A 164 -1.78 1.90 -5.81
CA ALA A 164 -1.88 3.24 -5.21
C ALA A 164 -1.68 3.23 -3.66
N GLY A 165 -2.25 2.21 -3.00
CA GLY A 165 -2.06 2.01 -1.58
C GLY A 165 -0.61 1.82 -1.14
N ALA A 166 0.10 0.99 -1.90
CA ALA A 166 1.51 0.70 -1.66
C ALA A 166 2.34 1.94 -1.82
N ALA A 168 1.22 5.09 -1.73
CA ALA A 168 0.80 6.00 -0.63
C ALA A 168 1.44 5.53 0.68
N GLU A 169 1.67 4.20 0.85
CA GLU A 169 2.31 3.72 2.08
C GLU A 169 3.80 4.10 2.15
N ASN A 170 4.50 3.99 1.01
CA ASN A 170 5.87 4.48 0.94
C ASN A 170 5.92 5.97 1.35
N ALA A 171 4.95 6.76 0.89
CA ALA A 171 4.87 8.21 1.21
C ALA A 171 4.63 8.46 2.70
N TYR A 172 3.71 7.70 3.28
CA TYR A 172 3.46 7.73 4.75
C TYR A 172 4.72 7.49 5.58
N LEU A 173 5.42 6.42 5.23
CA LEU A 173 6.66 6.02 5.90
C LEU A 173 7.75 7.08 5.72
N TYR A 174 7.87 7.64 4.50
CA TYR A 174 8.80 8.75 4.27
C TYR A 174 8.43 9.94 5.18
N CYS A 175 7.15 10.28 5.23
CA CYS A 175 6.70 11.40 6.07
C CYS A 175 7.08 11.20 7.54
N ALA A 176 6.92 9.97 8.03
CA ALA A 176 7.28 9.58 9.39
C ALA A 176 8.79 9.73 9.59
N SER A 177 9.60 9.27 8.62
CA SER A 177 11.08 9.43 8.71
C SER A 177 11.53 10.88 8.74
N ALA A 178 10.84 11.77 8.01
CA ALA A 178 11.21 13.19 7.85
C ALA A 178 10.45 14.21 8.73
N GLY A 179 9.63 13.74 9.67
CA GLY A 179 8.88 14.63 10.54
C GLY A 179 7.73 15.38 9.88
N LEU A 180 7.12 14.77 8.87
CA LEU A 180 6.01 15.37 8.14
C LEU A 180 4.72 14.59 8.43
N GLY A 181 3.59 15.28 8.29
CA GLY A 181 2.27 14.67 8.41
C GLY A 181 1.80 14.24 7.03
N ALA A 182 0.90 13.25 7.00
CA ALA A 182 0.28 12.74 5.79
C ALA A 182 -1.12 12.14 6.10
N VAL A 183 -2.02 12.15 5.12
CA VAL A 183 -3.33 11.44 5.25
C VAL A 183 -3.77 11.05 3.84
N VAL A 184 -3.92 9.73 3.60
CA VAL A 184 -4.43 9.21 2.35
C VAL A 184 -5.96 9.45 2.38
N ARG A 185 -6.53 9.81 1.23
CA ARG A 185 -7.96 10.14 1.11
C ARG A 185 -8.50 9.44 -0.12
N GLY A 186 -9.54 8.64 0.10
CA GLY A 186 -10.22 7.84 -0.91
C GLY A 186 -11.59 8.36 -1.24
N TRP A 187 -12.13 9.26 -0.43
CA TRP A 187 -13.37 9.92 -0.72
C TRP A 187 -13.09 10.98 -1.77
N LEU A 188 -13.13 10.55 -3.03
CA LEU A 188 -12.89 11.40 -4.20
C LEU A 188 -14.10 11.42 -5.11
N ASN A 189 -14.53 12.61 -5.53
CA ASN A 189 -15.49 12.76 -6.61
C ASN A 189 -14.56 12.61 -7.84
N ARG A 190 -14.41 11.37 -8.30
CA ARG A 190 -13.38 11.07 -9.31
C ARG A 190 -13.57 11.81 -10.63
N ARG A 191 -14.80 11.86 -11.12
CA ARG A 191 -15.08 12.57 -12.37
C ARG A 191 -14.87 14.09 -12.29
N GLN A 192 -15.29 14.69 -11.18
CA GLN A 192 -15.11 16.12 -10.95
C GLN A 192 -13.61 16.45 -10.85
N LEU A 193 -12.87 15.68 -10.08
CA LEU A 193 -11.44 15.87 -9.91
C LEU A 193 -10.71 15.63 -11.23
N ALA A 194 -11.10 14.60 -11.99
CA ALA A 194 -10.49 14.29 -13.31
C ALA A 194 -10.64 15.50 -14.26
N GLU A 195 -11.83 16.10 -14.27
CA GLU A 195 -12.10 17.32 -15.04
C GLU A 195 -11.20 18.51 -14.61
N HIS A 196 -11.10 18.75 -13.31
CA HIS A 196 -10.24 19.83 -12.79
C HIS A 196 -8.78 19.62 -13.16
N SER A 198 -7.69 18.08 -15.89
CA SER A 198 -7.56 17.98 -17.36
C SER A 198 -7.01 16.59 -17.78
N LEU A 199 -7.44 15.55 -17.08
CA LEU A 199 -6.98 14.17 -17.36
C LEU A 199 -7.63 13.67 -18.63
N ASN A 200 -7.01 12.68 -19.27
CA ASN A 200 -7.57 12.02 -20.46
C ASN A 200 -8.70 11.12 -20.03
N GLU A 201 -9.51 10.67 -20.99
CA GLU A 201 -10.65 9.77 -20.71
C GLU A 201 -10.30 8.48 -19.97
N ASP A 202 -9.15 7.89 -20.34
CA ASP A 202 -8.67 6.64 -19.72
C ASP A 202 -7.92 6.80 -18.37
N GLU A 203 -7.91 8.00 -17.78
CA GLU A 203 -7.20 8.29 -16.52
C GLU A 203 -8.18 8.55 -15.40
N GLU A 204 -8.06 7.81 -14.30
CA GLU A 204 -9.00 7.88 -13.18
C GLU A 204 -8.28 8.13 -11.85
N PRO A 205 -8.59 9.24 -11.15
CA PRO A 205 -8.03 9.43 -9.81
C PRO A 205 -8.55 8.34 -8.87
N ILE A 206 -7.66 7.69 -8.11
CA ILE A 206 -8.01 6.58 -7.21
C ILE A 206 -7.92 7.00 -5.73
N LEU A 207 -6.82 7.64 -5.37
CA LEU A 207 -6.58 8.14 -4.02
C LEU A 207 -5.83 9.45 -4.11
N SER A 208 -6.01 10.31 -3.12
CA SER A 208 -5.16 11.48 -2.97
C SER A 208 -4.46 11.35 -1.59
N GLN A 209 -3.45 12.20 -1.37
CA GLN A 209 -2.75 12.21 -0.07
C GLN A 209 -2.24 13.60 0.23
N THR A 210 -2.72 14.13 1.35
CA THR A 210 -2.42 15.51 1.75
C THR A 210 -1.21 15.47 2.66
N ILE A 211 -0.17 16.25 2.32
CA ILE A 211 1.11 16.21 3.01
C ILE A 211 1.62 17.59 3.40
N GLY A 212 2.20 17.66 4.59
CA GLY A 212 2.86 18.85 5.10
C GLY A 212 3.38 18.66 6.53
N ARG A 213 4.01 19.69 7.08
CA ARG A 213 4.37 19.67 8.50
C ARG A 213 3.08 19.71 9.28
N ALA A 214 3.02 18.93 10.36
CA ALA A 214 1.86 18.90 11.25
C ALA A 214 1.70 20.27 11.89
N ALA A 215 0.46 20.69 12.14
CA ALA A 215 0.16 21.99 12.79
C ALA A 215 0.80 22.12 14.18
N SER A 216 1.10 23.35 14.59
CA SER A 216 1.79 23.62 15.86
C SER A 216 1.03 23.34 17.17
N HIS A 217 -0.30 23.13 17.12
CA HIS A 217 -1.13 22.81 18.31
C HIS A 217 -2.32 21.90 17.97
N LEU B 8 1.98 -14.47 -22.47
CA LEU B 8 2.40 -13.47 -21.43
C LEU B 8 1.34 -13.16 -20.34
N PRO B 9 -0.01 -13.24 -20.65
CA PRO B 9 -0.98 -13.05 -19.54
C PRO B 9 -1.12 -14.36 -18.73
N TYR B 10 -1.25 -14.29 -17.39
CA TYR B 10 -1.25 -15.53 -16.55
C TYR B 10 -2.47 -16.40 -16.78
N GLU B 11 -2.25 -17.71 -16.89
CA GLU B 11 -3.30 -18.69 -17.15
C GLU B 11 -3.82 -19.32 -15.88
N PRO B 12 -5.14 -19.67 -15.82
CA PRO B 12 -5.68 -20.32 -14.61
C PRO B 12 -5.25 -21.79 -14.52
N VAL B 13 -4.95 -22.26 -13.31
CA VAL B 13 -4.55 -23.64 -13.04
C VAL B 13 -5.78 -24.35 -12.50
N LYS B 14 -5.90 -25.64 -12.83
CA LYS B 14 -7.04 -26.50 -12.43
C LYS B 14 -7.12 -26.71 -10.93
N GLY B 15 -8.12 -27.50 -10.52
CA GLY B 15 -8.37 -27.83 -9.12
C GLY B 15 -7.26 -28.61 -8.43
N LEU B 16 -6.36 -27.88 -7.77
CA LEU B 16 -5.27 -28.46 -6.97
C LEU B 16 -5.86 -28.45 -5.54
N LEU B 17 -5.88 -29.63 -4.90
CA LEU B 17 -6.38 -29.77 -3.50
C LEU B 17 -5.31 -29.32 -2.48
N PRO B 18 -5.74 -28.91 -1.26
CA PRO B 18 -4.76 -28.46 -0.28
C PRO B 18 -4.00 -29.64 0.31
N ARG B 19 -2.73 -29.42 0.67
CA ARG B 19 -1.88 -30.47 1.23
C ARG B 19 -2.16 -30.62 2.74
N PRO B 20 -1.88 -31.83 3.28
CA PRO B 20 -2.08 -32.00 4.72
C PRO B 20 -1.02 -31.22 5.51
N ALA B 21 -1.39 -30.75 6.69
CA ALA B 21 -0.50 -29.95 7.55
C ALA B 21 0.62 -30.83 8.12
N VAL B 22 1.84 -30.30 8.20
CA VAL B 22 3.02 -31.01 8.76
C VAL B 22 3.37 -30.33 10.08
N GLY B 23 3.32 -31.07 11.16
CA GLY B 23 3.60 -30.56 12.50
C GLY B 23 2.48 -30.88 13.45
N THR B 24 2.53 -30.22 14.60
CA THR B 24 1.53 -30.39 15.67
C THR B 24 0.30 -29.48 15.49
N SER B 25 0.43 -28.43 14.69
CA SER B 25 -0.63 -27.43 14.40
C SER B 25 -1.23 -26.86 15.71
N GLU B 26 -0.41 -26.16 16.51
CA GLU B 26 -0.90 -25.61 17.77
CA GLU B 26 -0.87 -25.59 17.77
C GLU B 26 -2.01 -24.60 17.47
N ARG B 27 -3.00 -24.56 18.34
CA ARG B 27 -4.19 -23.71 18.14
C ARG B 27 -3.93 -22.23 18.24
N VAL B 28 -3.01 -21.83 19.13
CA VAL B 28 -2.62 -20.43 19.29
C VAL B 28 -1.11 -20.33 19.47
N ILE B 29 -0.43 -19.59 18.60
CA ILE B 29 1.01 -19.37 18.68
C ILE B 29 1.24 -17.96 19.25
N THR B 30 1.93 -17.88 20.38
CA THR B 30 2.33 -16.60 21.01
C THR B 30 3.53 -16.07 20.23
N LEU B 31 3.49 -14.78 19.88
CA LEU B 31 4.60 -14.12 19.16
C LEU B 31 5.33 -13.18 20.12
N PRO B 32 6.68 -13.10 20.03
CA PRO B 32 7.41 -12.17 20.92
C PRO B 32 6.95 -10.72 20.66
N GLU B 33 6.91 -9.92 21.73
CA GLU B 33 6.36 -8.55 21.64
C GLU B 33 7.20 -7.72 20.69
N PRO B 34 6.53 -6.93 19.81
CA PRO B 34 7.27 -6.05 18.93
C PRO B 34 7.93 -4.95 19.79
N ASP B 35 9.25 -4.84 19.72
CA ASP B 35 10.01 -3.80 20.44
C ASP B 35 11.16 -3.11 19.65
N ARG B 36 11.50 -3.58 18.46
CA ARG B 36 12.61 -2.98 17.71
C ARG B 36 12.30 -1.65 17.06
N THR B 37 13.22 -0.70 17.23
CA THR B 37 13.19 0.58 16.53
C THR B 37 14.42 0.77 15.61
N SER B 38 15.35 -0.19 15.60
CA SER B 38 16.60 -0.11 14.84
C SER B 38 16.50 -0.97 13.59
N GLY B 39 17.51 -0.84 12.73
CA GLY B 39 17.58 -1.59 11.47
C GLY B 39 17.85 -0.68 10.29
N PRO B 41 17.95 1.87 7.32
CA PRO B 41 17.23 3.12 7.04
C PRO B 41 16.10 2.93 6.00
N LEU B 42 15.00 3.64 6.18
CA LEU B 42 13.87 3.52 5.25
C LEU B 42 14.31 3.68 3.78
N GLY B 44 17.08 3.04 2.40
CA GLY B 44 17.75 1.79 2.02
C GLY B 44 16.75 0.71 1.64
N THR B 45 15.69 0.56 2.44
CA THR B 45 14.64 -0.42 2.16
C THR B 45 13.90 -0.07 0.85
N LEU B 46 13.64 1.24 0.62
CA LEU B 46 12.98 1.70 -0.62
C LEU B 46 13.83 1.38 -1.86
N TRP B 47 15.14 1.60 -1.73
CA TRP B 47 16.11 1.29 -2.79
CA TRP B 47 16.12 1.30 -2.78
C TRP B 47 16.15 -0.20 -3.12
N LEU B 48 15.97 -1.07 -2.11
CA LEU B 48 16.01 -2.55 -2.27
C LEU B 48 14.64 -3.25 -2.40
N ARG B 49 13.56 -2.47 -2.43
CA ARG B 49 12.20 -2.98 -2.54
C ARG B 49 12.07 -3.60 -3.96
N LYS B 50 11.66 -4.86 -4.00
CA LYS B 50 11.49 -5.61 -5.26
C LYS B 50 10.71 -6.91 -5.01
N SER B 51 10.30 -7.55 -6.10
CA SER B 51 9.62 -8.83 -6.05
C SER B 51 10.61 -9.95 -6.35
N THR B 52 10.50 -11.04 -5.60
CA THR B 52 11.29 -12.26 -5.74
C THR B 52 10.29 -13.40 -5.94
N ARG B 53 10.62 -14.32 -6.82
CA ARG B 53 9.77 -15.48 -7.17
C ARG B 53 10.37 -16.87 -6.99
N GLU B 54 11.65 -16.96 -6.63
CA GLU B 54 12.36 -18.24 -6.42
C GLU B 54 12.93 -18.14 -5.02
N PHE B 55 12.62 -19.15 -4.21
CA PHE B 55 12.94 -19.12 -2.79
C PHE B 55 13.66 -20.36 -2.24
N ASP B 56 14.38 -20.14 -1.16
CA ASP B 56 14.97 -21.21 -0.37
C ASP B 56 13.80 -21.60 0.59
N GLN B 57 13.76 -22.85 1.01
CA GLN B 57 12.68 -23.38 1.88
C GLN B 57 12.88 -23.28 3.41
N GLN B 58 13.99 -22.71 3.87
CA GLN B 58 14.32 -22.60 5.31
C GLN B 58 13.24 -21.76 5.98
N PRO B 59 12.67 -22.24 7.10
CA PRO B 59 11.61 -21.43 7.71
C PRO B 59 12.12 -20.14 8.33
N LEU B 60 11.26 -19.12 8.37
CA LEU B 60 11.59 -17.89 9.07
C LEU B 60 11.64 -18.19 10.58
N PRO B 61 12.68 -17.73 11.30
CA PRO B 61 12.63 -17.84 12.75
C PRO B 61 11.43 -17.09 13.36
N LEU B 62 11.00 -17.51 14.55
CA LEU B 62 9.84 -16.92 15.24
C LEU B 62 9.90 -15.39 15.32
N LYS B 63 11.04 -14.84 15.70
CA LYS B 63 11.20 -13.38 15.81
C LYS B 63 10.97 -12.64 14.46
N GLN B 64 11.42 -13.25 13.38
CA GLN B 64 11.27 -12.67 12.05
C GLN B 64 9.82 -12.74 11.60
N LEU B 65 9.17 -13.87 11.87
CA LEU B 65 7.74 -14.01 11.54
C LEU B 65 6.92 -12.96 12.30
N SER B 66 7.22 -12.77 13.59
CA SER B 66 6.55 -11.80 14.48
C SER B 66 6.68 -10.38 13.96
N GLU B 67 7.93 -10.00 13.64
CA GLU B 67 8.21 -8.69 13.05
C GLU B 67 7.51 -8.42 11.71
N LEU B 68 7.54 -9.40 10.82
CA LEU B 68 6.89 -9.34 9.51
C LEU B 68 5.38 -9.07 9.70
N LEU B 69 4.76 -9.86 10.59
CA LEU B 69 3.33 -9.71 10.83
C LEU B 69 3.00 -8.35 11.44
N TRP B 70 3.83 -7.89 12.38
CA TRP B 70 3.66 -6.60 13.01
C TRP B 70 3.82 -5.49 11.98
N ALA B 71 4.80 -5.60 11.07
CA ALA B 71 5.01 -4.59 10.04
C ALA B 71 3.76 -4.48 9.15
N ALA B 72 3.25 -5.63 8.71
CA ALA B 72 2.08 -5.67 7.86
C ALA B 72 0.82 -5.22 8.54
N ALA B 73 0.55 -5.74 9.75
CA ALA B 73 -0.77 -5.60 10.42
C ALA B 73 -0.82 -5.19 11.90
N GLY B 74 0.34 -4.94 12.51
CA GLY B 74 0.44 -4.73 13.91
C GLY B 74 -0.08 -3.42 14.47
N VAL B 75 -0.20 -3.39 15.80
CA VAL B 75 -0.58 -2.22 16.56
C VAL B 75 0.73 -1.47 16.85
N ASN B 76 0.81 -0.22 16.39
CA ASN B 76 1.94 0.67 16.70
C ASN B 76 1.57 1.70 17.79
N ARG B 77 0.27 1.79 18.14
CA ARG B 77 -0.23 2.72 19.18
C ARG B 77 -1.22 1.99 20.13
N SER B 78 -0.73 1.59 21.31
CA SER B 78 -1.52 0.81 22.29
C SER B 78 -2.89 1.40 22.64
N LEU B 79 -2.89 2.66 23.05
CA LEU B 79 -4.13 3.41 23.34
C LEU B 79 -4.76 3.72 21.98
N GLY B 80 -5.93 3.13 21.71
CA GLY B 80 -6.67 3.33 20.45
C GLY B 80 -6.51 2.21 19.44
N GLY B 81 -5.48 1.38 19.58
CA GLY B 81 -5.22 0.30 18.64
C GLY B 81 -4.83 0.72 17.23
N GLY B 82 -4.18 1.89 17.08
CA GLY B 82 -3.73 2.38 15.78
C GLY B 82 -2.73 1.40 15.20
N ARG B 83 -2.80 1.21 13.88
CA ARG B 83 -2.01 0.21 13.20
C ARG B 83 -0.87 0.82 12.40
N THR B 84 0.07 -0.05 12.03
CA THR B 84 1.22 0.30 11.21
C THR B 84 0.77 0.76 9.80
N ALA B 85 -0.40 0.32 9.32
CA ALA B 85 -0.96 0.74 8.02
C ALA B 85 -2.28 1.48 8.24
N PRO B 86 -2.63 2.41 7.32
CA PRO B 86 -3.89 3.10 7.47
C PRO B 86 -5.06 2.15 7.16
N SER B 87 -6.23 2.53 7.62
CA SER B 87 -7.46 1.77 7.34
C SER B 87 -8.67 2.70 7.32
N PRO B 88 -9.65 2.45 6.42
CA PRO B 88 -10.82 3.32 6.35
C PRO B 88 -11.54 3.41 7.68
N TYR B 89 -11.76 4.65 8.15
CA TYR B 89 -12.45 4.99 9.41
C TYR B 89 -11.73 4.47 10.67
N GLY B 90 -10.47 4.12 10.54
CA GLY B 90 -9.68 3.52 11.60
C GLY B 90 -10.14 2.11 11.97
N GLU B 91 -10.92 1.46 11.11
CA GLU B 91 -11.43 0.14 11.41
C GLU B 91 -10.78 -0.85 10.50
N THR B 92 -10.38 -1.98 11.06
CA THR B 92 -9.72 -3.08 10.36
C THR B 92 -10.70 -3.59 9.31
N VAL B 93 -10.42 -3.45 8.02
CA VAL B 93 -11.28 -4.10 6.98
C VAL B 93 -10.57 -5.34 6.41
N ILE B 94 -9.27 -5.48 6.71
CA ILE B 94 -8.44 -6.60 6.25
C ILE B 94 -8.02 -7.46 7.44
N ASP B 95 -8.17 -8.79 7.29
CA ASP B 95 -7.66 -9.78 8.23
C ASP B 95 -6.47 -10.42 7.52
N VAL B 96 -5.33 -10.56 8.21
CA VAL B 96 -4.14 -11.16 7.63
C VAL B 96 -4.03 -12.61 8.11
N TYR B 97 -3.91 -13.53 7.15
CA TYR B 97 -3.71 -14.92 7.42
C TYR B 97 -2.31 -15.28 6.97
N VAL B 98 -1.77 -16.32 7.59
CA VAL B 98 -0.44 -16.83 7.27
C VAL B 98 -0.59 -18.31 6.95
N ALA B 99 -0.24 -18.70 5.71
CA ALA B 99 -0.25 -20.10 5.31
C ALA B 99 1.13 -20.65 5.56
N LEU B 100 1.22 -21.56 6.52
CA LEU B 100 2.45 -22.25 6.90
C LEU B 100 2.29 -23.76 6.61
N PRO B 101 3.41 -24.50 6.58
CA PRO B 101 3.34 -25.97 6.43
C PRO B 101 2.45 -26.61 7.51
N ALA B 102 2.53 -26.09 8.73
CA ALA B 102 1.77 -26.56 9.91
C ALA B 102 0.28 -26.19 9.93
N GLY B 103 -0.13 -25.23 9.09
CA GLY B 103 -1.52 -24.83 9.02
C GLY B 103 -1.70 -23.37 8.65
N LEU B 104 -2.97 -23.01 8.41
CA LEU B 104 -3.37 -21.64 8.09
C LEU B 104 -3.73 -20.98 9.39
N TYR B 105 -3.10 -19.85 9.68
CA TYR B 105 -3.35 -19.09 10.89
C TYR B 105 -3.81 -17.70 10.58
N ARG B 106 -4.63 -17.14 11.47
CA ARG B 106 -5.08 -15.76 11.39
C ARG B 106 -4.24 -14.97 12.37
N TYR B 107 -3.69 -13.83 11.93
CA TYR B 107 -2.93 -12.94 12.81
C TYR B 107 -3.90 -12.06 13.53
N ASP B 108 -3.80 -12.01 14.85
CA ASP B 108 -4.65 -11.15 15.68
C ASP B 108 -3.76 -9.99 16.12
N PRO B 109 -4.03 -8.76 15.59
CA PRO B 109 -3.15 -7.63 15.92
C PRO B 109 -3.19 -7.18 17.36
N VAL B 110 -4.37 -7.16 17.97
CA VAL B 110 -4.55 -6.75 19.35
C VAL B 110 -3.80 -7.64 20.35
N HIS B 111 -3.84 -8.96 20.17
CA HIS B 111 -3.13 -9.87 21.07
C HIS B 111 -1.77 -10.31 20.51
N HIS B 112 -1.41 -9.84 19.30
CA HIS B 112 -0.16 -10.17 18.63
C HIS B 112 0.13 -11.70 18.66
N CYS B 113 -0.76 -12.46 18.05
CA CYS B 113 -0.68 -13.90 18.06
C CYS B 113 -1.32 -14.49 16.82
N LEU B 114 -1.13 -15.78 16.64
CA LEU B 114 -1.67 -16.53 15.52
C LEU B 114 -2.69 -17.54 16.04
N GLU B 115 -3.89 -17.55 15.45
CA GLU B 115 -4.98 -18.46 15.80
C GLU B 115 -5.21 -19.40 14.64
N LEU B 116 -5.13 -20.69 14.89
CA LEU B 116 -5.34 -21.69 13.83
C LEU B 116 -6.71 -21.53 13.18
N LYS B 117 -6.73 -21.43 11.86
CA LYS B 117 -7.94 -21.33 11.02
C LYS B 117 -8.22 -22.69 10.36
N ARG B 118 -7.21 -23.32 9.76
CA ARG B 118 -7.39 -24.68 9.19
C ARG B 118 -6.09 -25.46 9.26
N ALA B 119 -6.19 -26.74 9.66
CA ALA B 119 -5.05 -27.64 9.77
C ALA B 119 -4.69 -28.24 8.41
N ALA B 120 -4.28 -27.38 7.49
CA ALA B 120 -3.85 -27.76 6.13
C ALA B 120 -2.83 -26.76 5.62
N ASP B 121 -1.99 -27.24 4.72
CA ASP B 121 -0.98 -26.44 4.04
C ASP B 121 -1.62 -25.86 2.77
N LEU B 122 -1.91 -24.57 2.82
CA LEU B 122 -2.58 -23.83 1.75
C LEU B 122 -1.63 -22.90 0.96
N ARG B 123 -0.32 -23.10 1.07
CA ARG B 123 0.64 -22.29 0.30
C ARG B 123 0.47 -22.57 -1.22
N SER B 124 0.54 -21.51 -2.02
CA SER B 124 0.39 -21.56 -3.49
C SER B 124 -0.92 -22.21 -3.95
N THR B 126 -3.34 -20.09 -5.36
CA THR B 126 -3.91 -18.91 -6.00
C THR B 126 -4.87 -19.26 -7.14
N GLY B 127 -4.67 -20.40 -7.79
CA GLY B 127 -5.46 -20.81 -8.94
C GLY B 127 -4.97 -20.26 -10.28
N TYR B 128 -3.86 -19.50 -10.29
CA TYR B 128 -3.23 -18.98 -11.52
C TYR B 128 -1.74 -19.39 -11.60
N GLN B 129 -1.23 -19.58 -12.82
CA GLN B 129 0.18 -19.93 -13.02
C GLN B 129 0.93 -18.63 -13.31
N ASP B 130 1.46 -18.03 -12.24
CA ASP B 130 2.25 -16.79 -12.30
C ASP B 130 3.76 -17.05 -12.11
N PHE B 131 4.18 -18.33 -12.17
CA PHE B 131 5.60 -18.68 -12.08
C PHE B 131 6.30 -18.31 -10.77
N VAL B 132 5.55 -18.36 -9.66
CA VAL B 132 6.06 -18.09 -8.32
C VAL B 132 6.30 -19.43 -7.69
N GLY B 133 7.52 -19.64 -7.19
CA GLY B 133 7.88 -20.89 -6.59
C GLY B 133 7.36 -21.08 -5.21
N ALA B 135 7.51 -21.36 -1.33
CA ALA B 135 8.19 -20.55 -0.32
C ALA B 135 7.77 -21.03 1.07
N PRO B 136 8.49 -20.60 2.11
CA PRO B 136 8.13 -21.02 3.47
C PRO B 136 6.75 -20.57 3.95
N LEU B 137 6.24 -19.44 3.45
CA LEU B 137 4.92 -18.97 3.86
C LEU B 137 4.30 -18.02 2.87
N ASP B 138 2.97 -17.91 2.98
CA ASP B 138 2.22 -16.89 2.27
C ASP B 138 1.50 -16.06 3.31
N LEU B 139 1.40 -14.76 3.09
CA LEU B 139 0.45 -13.93 3.86
C LEU B 139 -0.76 -13.87 2.93
N VAL B 140 -2.00 -13.96 3.46
CA VAL B 140 -3.22 -13.79 2.62
C VAL B 140 -3.98 -12.64 3.26
N PHE B 141 -4.25 -11.59 2.46
CA PHE B 141 -4.97 -10.39 2.94
C PHE B 141 -6.44 -10.58 2.51
N VAL B 142 -7.32 -10.72 3.51
CA VAL B 142 -8.73 -11.01 3.33
C VAL B 142 -9.57 -9.76 3.58
N ALA B 143 -10.39 -9.38 2.62
CA ALA B 143 -11.33 -8.27 2.75
C ALA B 143 -12.53 -8.80 3.53
N ASN B 144 -12.76 -8.28 4.72
CA ASN B 144 -13.90 -8.67 5.55
C ASN B 144 -15.05 -7.70 5.31
N HIS B 145 -15.96 -8.07 4.41
CA HIS B 145 -17.15 -7.23 4.10
C HIS B 145 -18.11 -7.13 5.26
N GLY B 146 -18.01 -8.05 6.22
CA GLY B 146 -18.73 -7.98 7.46
C GLY B 146 -18.40 -6.72 8.25
N ARG B 147 -17.18 -6.17 8.10
CA ARG B 147 -16.81 -4.92 8.77
C ARG B 147 -16.98 -3.65 7.90
N GLN B 149 -20.17 -3.10 6.13
CA GLN B 149 -21.59 -2.94 5.77
C GLN B 149 -22.13 -1.50 5.89
N GLU B 150 -21.48 -0.64 6.67
CA GLU B 150 -21.92 0.78 6.77
C GLU B 150 -21.11 1.71 5.86
N PRO B 152 -20.10 2.89 1.96
CA PRO B 152 -20.80 2.78 0.66
C PRO B 152 -20.27 1.59 -0.20
N PRO B 153 -21.18 0.77 -0.78
CA PRO B 153 -20.80 -0.39 -1.61
C PRO B 153 -19.72 -0.07 -2.65
N LYS B 154 -19.92 1.02 -3.38
CA LYS B 154 -19.01 1.50 -4.42
C LYS B 154 -17.57 1.80 -3.99
N LEU B 155 -17.31 1.91 -2.67
CA LEU B 155 -15.96 2.14 -2.13
C LEU B 155 -15.32 0.97 -1.43
N ARG B 156 -16.06 -0.12 -1.19
CA ARG B 156 -15.53 -1.26 -0.41
C ARG B 156 -14.34 -1.95 -1.08
N GLU B 157 -14.40 -2.10 -2.39
CA GLU B 157 -13.32 -2.72 -3.15
C GLU B 157 -12.05 -1.84 -3.13
N THR B 158 -12.21 -0.55 -3.43
CA THR B 158 -11.08 0.41 -3.43
C THR B 158 -10.42 0.50 -2.05
N PHE B 159 -11.24 0.63 -1.00
CA PHE B 159 -10.74 0.81 0.37
C PHE B 159 -10.03 -0.42 0.92
N SER B 160 -10.61 -1.59 0.72
CA SER B 160 -9.97 -2.84 1.19
C SER B 160 -8.70 -3.11 0.37
N ALA B 161 -8.76 -2.91 -0.94
CA ALA B 161 -7.57 -3.09 -1.80
C ALA B 161 -6.43 -2.12 -1.47
N ALA B 162 -6.76 -0.84 -1.23
CA ALA B 162 -5.75 0.16 -0.86
C ALA B 162 -5.13 -0.15 0.54
N ALA B 163 -5.98 -0.60 1.49
CA ALA B 163 -5.51 -1.01 2.82
C ALA B 163 -4.60 -2.23 2.68
N ALA B 164 -5.03 -3.23 1.91
CA ALA B 164 -4.21 -4.46 1.69
C ALA B 164 -2.87 -4.16 0.99
N GLY B 165 -2.89 -3.27 -0.01
CA GLY B 165 -1.69 -2.86 -0.72
C GLY B 165 -0.68 -2.19 0.21
N ALA B 166 -1.18 -1.32 1.11
CA ALA B 166 -0.31 -0.67 2.11
C ALA B 166 0.31 -1.67 3.11
N ALA B 168 0.76 -4.97 2.56
CA ALA B 168 1.72 -5.78 1.78
C ALA B 168 3.01 -4.98 1.50
N GLU B 169 2.87 -3.65 1.36
CA GLU B 169 4.01 -2.76 1.14
C GLU B 169 4.87 -2.69 2.39
N ASN B 170 4.24 -2.52 3.56
CA ASN B 170 5.02 -2.56 4.82
C ASN B 170 5.81 -3.89 4.87
N ALA B 171 5.16 -5.00 4.50
CA ALA B 171 5.80 -6.33 4.42
C ALA B 171 6.98 -6.42 3.43
N TYR B 172 6.77 -5.90 2.23
CA TYR B 172 7.83 -5.80 1.23
C TYR B 172 9.07 -5.07 1.78
N LEU B 173 8.81 -3.91 2.40
CA LEU B 173 9.87 -3.10 2.97
C LEU B 173 10.57 -3.81 4.14
N TYR B 174 9.81 -4.49 4.99
CA TYR B 174 10.41 -5.28 6.07
C TYR B 174 11.32 -6.36 5.47
N CYS B 175 10.81 -7.09 4.47
CA CYS B 175 11.60 -8.10 3.78
C CYS B 175 12.91 -7.52 3.19
N ALA B 176 12.82 -6.35 2.56
CA ALA B 176 14.03 -5.67 2.01
C ALA B 176 15.02 -5.40 3.17
N SER B 177 14.50 -4.93 4.33
CA SER B 177 15.36 -4.66 5.51
CA SER B 177 15.35 -4.66 5.51
C SER B 177 16.03 -5.91 6.08
N ALA B 178 15.33 -7.04 6.04
CA ALA B 178 15.79 -8.33 6.61
C ALA B 178 16.46 -9.26 5.64
N GLY B 179 16.64 -8.87 4.39
CA GLY B 179 17.23 -9.78 3.40
C GLY B 179 16.31 -10.91 3.02
N LEU B 180 14.98 -10.69 3.05
CA LEU B 180 14.03 -11.69 2.61
C LEU B 180 13.46 -11.26 1.25
N GLY B 181 13.01 -12.25 0.50
CA GLY B 181 12.32 -12.05 -0.75
C GLY B 181 10.82 -12.04 -0.51
N ALA B 182 10.09 -11.39 -1.39
CA ALA B 182 8.62 -11.32 -1.32
C ALA B 182 8.04 -10.96 -2.67
N VAL B 183 6.79 -11.40 -2.91
CA VAL B 183 6.03 -11.01 -4.11
C VAL B 183 4.54 -10.98 -3.77
N VAL B 184 3.87 -9.84 -3.96
CA VAL B 184 2.45 -9.72 -3.73
C VAL B 184 1.77 -10.32 -4.96
N ARG B 185 0.71 -11.10 -4.76
CA ARG B 185 -0.01 -11.79 -5.84
C ARG B 185 -1.50 -11.47 -5.73
N GLY B 186 -2.04 -10.95 -6.83
CA GLY B 186 -3.41 -10.48 -6.97
C GLY B 186 -4.25 -11.30 -7.90
N TRP B 187 -3.62 -12.10 -8.76
CA TRP B 187 -4.32 -13.04 -9.61
C TRP B 187 -4.70 -14.23 -8.75
N LEU B 188 -5.90 -14.10 -8.16
CA LEU B 188 -6.45 -15.10 -7.25
C LEU B 188 -7.80 -15.57 -7.73
N ASN B 189 -8.05 -16.88 -7.73
CA ASN B 189 -9.39 -17.40 -7.88
C ASN B 189 -9.90 -17.21 -6.43
N ARG B 190 -10.58 -16.10 -6.19
CA ARG B 190 -10.98 -15.71 -4.84
C ARG B 190 -11.96 -16.69 -4.15
N ARG B 191 -12.97 -17.14 -4.88
CA ARG B 191 -14.00 -18.06 -4.35
CA ARG B 191 -14.00 -18.06 -4.35
C ARG B 191 -13.38 -19.42 -3.99
N GLN B 192 -12.55 -19.94 -4.88
CA GLN B 192 -11.87 -21.24 -4.66
C GLN B 192 -10.95 -21.16 -3.44
N LEU B 193 -10.18 -20.09 -3.35
CA LEU B 193 -9.23 -19.92 -2.24
C LEU B 193 -9.98 -19.69 -0.90
N ALA B 194 -11.05 -18.88 -0.93
CA ALA B 194 -11.91 -18.65 0.25
C ALA B 194 -12.48 -19.98 0.79
N GLU B 195 -12.92 -20.86 -0.11
CA GLU B 195 -13.40 -22.21 0.28
C GLU B 195 -12.31 -23.01 0.97
N HIS B 196 -11.11 -23.01 0.40
CA HIS B 196 -9.96 -23.71 0.99
C HIS B 196 -9.61 -23.16 2.38
N SER B 198 -11.79 -21.93 4.52
CA SER B 198 -12.99 -21.98 5.40
C SER B 198 -13.44 -20.56 5.81
N LEU B 199 -13.35 -19.60 4.90
CA LEU B 199 -13.78 -18.24 5.22
C LEU B 199 -15.30 -18.17 5.22
N ASN B 200 -15.85 -17.19 5.96
CA ASN B 200 -17.29 -16.92 5.91
C ASN B 200 -17.63 -16.33 4.53
N GLU B 201 -18.91 -16.42 4.18
CA GLU B 201 -19.44 -15.97 2.88
C GLU B 201 -19.13 -14.51 2.53
N ASP B 202 -19.02 -13.64 3.54
CA ASP B 202 -18.71 -12.20 3.32
C ASP B 202 -17.23 -11.83 3.51
N GLU B 203 -16.34 -12.82 3.38
CA GLU B 203 -14.88 -12.64 3.49
C GLU B 203 -14.28 -13.19 2.23
N GLU B 204 -13.35 -12.43 1.67
CA GLU B 204 -12.74 -12.76 0.40
C GLU B 204 -11.25 -12.43 0.36
N PRO B 205 -10.36 -13.40 0.02
CA PRO B 205 -8.94 -13.05 -0.16
C PRO B 205 -8.77 -12.12 -1.38
N ILE B 206 -8.04 -11.01 -1.22
CA ILE B 206 -7.83 -10.08 -2.35
C ILE B 206 -6.39 -9.99 -2.81
N LEU B 207 -5.45 -10.21 -1.90
CA LEU B 207 -4.03 -10.28 -2.23
C LEU B 207 -3.39 -11.38 -1.38
N SER B 208 -2.39 -12.05 -1.97
CA SER B 208 -1.58 -13.06 -1.32
CA SER B 208 -1.58 -13.05 -1.30
C SER B 208 -0.11 -12.60 -1.47
N GLN B 209 0.75 -12.91 -0.51
CA GLN B 209 2.16 -12.49 -0.59
C GLN B 209 3.05 -13.64 -0.13
N THR B 210 3.87 -14.12 -1.07
CA THR B 210 4.77 -15.28 -0.90
C THR B 210 6.10 -14.73 -0.46
N ILE B 211 6.63 -15.25 0.64
CA ILE B 211 7.80 -14.70 1.33
C ILE B 211 8.75 -15.80 1.78
N GLY B 212 10.06 -15.53 1.64
CA GLY B 212 11.11 -16.41 2.12
C GLY B 212 12.48 -15.88 1.73
N ARG B 213 13.54 -16.57 2.15
CA ARG B 213 14.88 -16.18 1.70
C ARG B 213 14.91 -16.43 0.19
N ALA B 214 15.59 -15.57 -0.57
CA ALA B 214 15.75 -15.75 -2.03
C ALA B 214 16.57 -17.01 -2.29
N ALA B 215 16.24 -17.71 -3.37
CA ALA B 215 16.93 -18.98 -3.74
C ALA B 215 18.42 -18.76 -3.98
N SER B 216 19.23 -19.72 -3.55
CA SER B 216 20.69 -19.66 -3.68
C SER B 216 21.11 -19.94 -5.13
N HIS B 217 20.89 -21.18 -5.60
CA HIS B 217 21.24 -21.62 -6.97
C HIS B 217 20.01 -21.53 -7.92
#